data_8FZR
#
_entry.id   8FZR
#
_cell.length_a   1.00
_cell.length_b   1.00
_cell.length_c   1.00
_cell.angle_alpha   90.00
_cell.angle_beta   90.00
_cell.angle_gamma   90.00
#
_symmetry.space_group_name_H-M   'P 1'
#
loop_
_entity.id
_entity.type
_entity.pdbx_description
1 polymer 'Arginyl-tRNA--protein transferase 1'
2 polymer 'Arg tRNA'
3 non-polymer 'ZINC ION'
#
loop_
_entity_poly.entity_id
_entity_poly.type
_entity_poly.pdbx_seq_one_letter_code
_entity_poly.pdbx_strand_id
1 'polypeptide(L)'
;MSDRFVIWAPSMHNEPAAKCGYCHGNKGGNMDQLFALDSWAHRYMNKMDVVKIENCTIGSFVEHMDVATYDRMCNMGFRR
SGKFLYKVDPLRNCCRLYTIRTAPQELNMTKELKKCISRFATRITSEDYCPAAVASSDFVGKIVNAEMNSKTFYTRFEPA
LYSEEKYHLFVKYQEKVHQDYNNSPKSFKRFLCDTPFGPEAVLGTQESWEQLNNWQRMKPGEKLKHMGPVHECYYYEGKL
IAITVSDILPSGISSVYFIWDPDYSKWSLGKLSALRDLAIIQRTNLQYYYLGYYIEDCPKMNYKANYGAEVLDVCHSKYI
PLKPIQDMISRGKLFVIGEEETKVTKELYLVDSETGRGEGFPTDNVVKYKNIAEEIYGVGGCAFKSANESALELKELYGI
PYEEEDLDTIYHLKEHNGHAPNGIPNVVPGLLPLWELLDIMQSGKITDLEGRLFLFEIETEGIRPLINFYSEPPNVKKRI
CDVIRLFGFETCMKAVILYSEQM
;
A
2 'polyribonucleotide' GCGCCCUUAGCUCAGUUGGAUAGAGCAACGACCUUCUAAGUCGUGGGCCGCAGGUUCGAAUCCUGCAGGGCGCGCCA R
#
# COMPACT_ATOMS: atom_id res chain seq x y z
N MET A 1 0.34 25.64 -5.25
CA MET A 1 1.34 24.75 -5.82
C MET A 1 1.90 23.80 -4.77
N SER A 2 2.08 22.54 -5.15
CA SER A 2 2.65 21.49 -4.30
C SER A 2 1.83 21.25 -3.04
N ASP A 3 0.54 21.54 -3.07
CA ASP A 3 -0.31 21.32 -1.89
C ASP A 3 -1.63 20.63 -2.21
N ARG A 4 -2.04 20.53 -3.47
CA ARG A 4 -3.28 19.89 -3.83
C ARG A 4 -3.05 18.41 -4.18
N PHE A 5 -4.11 17.63 -4.07
CA PHE A 5 -4.05 16.20 -4.38
C PHE A 5 -4.04 16.03 -5.90
N VAL A 6 -2.95 15.47 -6.42
CA VAL A 6 -2.78 15.28 -7.85
C VAL A 6 -2.73 13.79 -8.14
N ILE A 7 -3.65 13.33 -9.00
CA ILE A 7 -3.70 11.93 -9.41
C ILE A 7 -4.22 11.88 -10.84
N TRP A 8 -3.54 11.11 -11.69
CA TRP A 8 -3.95 10.97 -13.08
C TRP A 8 -5.00 9.86 -13.22
N ALA A 9 -5.55 9.75 -14.43
CA ALA A 9 -6.49 8.68 -14.71
C ALA A 9 -5.76 7.35 -14.80
N PRO A 10 -6.17 6.34 -14.04
CA PRO A 10 -5.47 5.05 -14.09
C PRO A 10 -5.57 4.39 -15.45
N SER A 11 -4.49 3.74 -15.84
CA SER A 11 -4.43 2.98 -17.10
C SER A 11 -3.70 1.68 -16.83
N MET A 12 -4.40 0.56 -16.99
CA MET A 12 -3.85 -0.75 -16.64
C MET A 12 -2.84 -1.16 -17.71
N HIS A 13 -1.62 -0.64 -17.56
CA HIS A 13 -0.50 -1.06 -18.40
C HIS A 13 -0.13 -2.49 -18.01
N ASN A 14 0.00 -3.36 -19.01
CA ASN A 14 0.22 -4.77 -18.76
C ASN A 14 1.47 -5.24 -19.48
N GLU A 15 2.14 -6.21 -18.89
CA GLU A 15 3.35 -6.81 -19.40
C GLU A 15 3.26 -8.32 -19.25
N PRO A 16 4.06 -9.08 -19.99
CA PRO A 16 4.06 -10.53 -19.81
C PRO A 16 4.49 -10.92 -18.40
N ALA A 17 3.97 -12.06 -17.95
CA ALA A 17 4.17 -12.49 -16.57
C ALA A 17 5.64 -12.76 -16.25
N ALA A 18 6.49 -12.91 -17.25
CA ALA A 18 7.92 -13.08 -17.00
C ALA A 18 8.50 -11.87 -16.30
N LYS A 19 8.01 -10.67 -16.65
CA LYS A 19 8.51 -9.44 -16.05
C LYS A 19 8.19 -9.32 -14.56
N CYS A 20 7.27 -10.14 -14.05
CA CYS A 20 6.90 -10.07 -12.64
C CYS A 20 8.11 -10.34 -11.75
N GLY A 21 8.29 -9.50 -10.73
CA GLY A 21 9.46 -9.61 -9.87
C GLY A 21 9.33 -10.60 -8.73
N TYR A 22 8.11 -11.08 -8.46
CA TYR A 22 7.87 -11.97 -7.33
C TYR A 22 7.33 -13.33 -7.75
N CYS A 23 6.34 -13.37 -8.63
CA CYS A 23 5.65 -14.61 -8.97
C CYS A 23 6.12 -15.25 -10.28
N HIS A 24 6.61 -14.45 -11.22
CA HIS A 24 7.13 -14.90 -12.51
C HIS A 24 6.05 -15.54 -13.38
N GLY A 25 4.80 -15.60 -12.91
CA GLY A 25 3.73 -16.22 -13.65
C GLY A 25 3.64 -17.73 -13.52
N ASN A 26 4.58 -18.35 -12.80
CA ASN A 26 4.56 -19.79 -12.56
C ASN A 26 4.62 -20.05 -11.07
N LYS A 27 3.71 -20.90 -10.59
CA LYS A 27 3.67 -21.29 -9.19
C LYS A 27 3.45 -22.79 -9.07
N GLY A 28 4.04 -23.55 -10.01
CA GLY A 28 3.89 -24.98 -10.00
C GLY A 28 2.45 -25.41 -10.20
N GLY A 29 2.08 -26.51 -9.53
CA GLY A 29 0.72 -27.00 -9.59
C GLY A 29 -0.20 -26.32 -8.61
N ASN A 30 -0.22 -24.99 -8.64
CA ASN A 30 -1.01 -24.17 -7.73
C ASN A 30 -1.81 -23.13 -8.52
N MET A 31 -2.49 -23.59 -9.56
CA MET A 31 -3.27 -22.68 -10.41
C MET A 31 -4.42 -22.02 -9.64
N ASP A 32 -4.82 -22.58 -8.50
CA ASP A 32 -5.85 -21.95 -7.69
C ASP A 32 -5.40 -20.59 -7.18
N GLN A 33 -4.13 -20.46 -6.80
CA GLN A 33 -3.61 -19.17 -6.37
C GLN A 33 -3.54 -18.17 -7.52
N LEU A 34 -3.31 -18.66 -8.74
CA LEU A 34 -3.15 -17.75 -9.88
C LEU A 34 -4.41 -16.94 -10.14
N PHE A 35 -5.58 -17.60 -10.12
CA PHE A 35 -6.85 -16.93 -10.33
C PHE A 35 -7.40 -16.46 -8.98
N ALA A 36 -8.66 -16.04 -8.95
CA ALA A 36 -9.26 -15.47 -7.75
C ALA A 36 -9.40 -16.48 -6.62
N LEU A 37 -10.17 -17.53 -6.84
CA LEU A 37 -10.47 -18.50 -5.79
C LEU A 37 -10.57 -19.89 -6.41
N ASP A 38 -11.04 -20.85 -5.62
CA ASP A 38 -11.20 -22.22 -6.09
C ASP A 38 -12.42 -22.37 -6.99
N SER A 39 -13.43 -21.53 -6.80
CA SER A 39 -14.68 -21.68 -7.56
C SER A 39 -14.44 -21.51 -9.05
N TRP A 40 -13.69 -20.47 -9.45
CA TRP A 40 -13.33 -20.33 -10.85
C TRP A 40 -12.15 -21.22 -11.24
N ALA A 41 -11.35 -21.66 -10.27
CA ALA A 41 -10.22 -22.54 -10.58
C ALA A 41 -10.72 -23.87 -11.15
N HIS A 42 -11.83 -24.39 -10.62
CA HIS A 42 -12.39 -25.63 -11.13
C HIS A 42 -13.01 -25.48 -12.51
N ARG A 43 -13.29 -24.25 -12.94
CA ARG A 43 -13.88 -24.00 -14.25
C ARG A 43 -12.90 -23.36 -15.24
N TYR A 44 -11.91 -22.61 -14.75
CA TYR A 44 -10.91 -21.99 -15.60
C TYR A 44 -9.67 -22.85 -15.76
N MET A 45 -9.68 -24.07 -15.21
CA MET A 45 -8.51 -24.94 -15.34
C MET A 45 -8.24 -25.31 -16.79
N ASN A 46 -9.29 -25.63 -17.53
CA ASN A 46 -9.16 -25.94 -18.95
C ASN A 46 -9.23 -24.70 -19.84
N LYS A 47 -9.63 -23.56 -19.28
CA LYS A 47 -9.69 -22.31 -20.03
C LYS A 47 -8.46 -21.43 -19.82
N MET A 48 -7.66 -21.70 -18.78
CA MET A 48 -6.44 -20.93 -18.56
C MET A 48 -5.39 -21.20 -19.63
N ASP A 49 -5.45 -22.36 -20.29
CA ASP A 49 -4.53 -22.65 -21.37
C ASP A 49 -4.79 -21.81 -22.60
N VAL A 50 -5.99 -21.24 -22.73
CA VAL A 50 -6.36 -20.43 -23.87
C VAL A 50 -6.44 -18.94 -23.51
N VAL A 51 -6.30 -18.61 -22.23
CA VAL A 51 -6.34 -17.22 -21.77
C VAL A 51 -5.07 -16.93 -20.98
N LYS A 52 -4.30 -15.96 -21.45
CA LYS A 52 -3.05 -15.60 -20.79
C LYS A 52 -3.33 -14.85 -19.50
N ILE A 53 -2.46 -15.05 -18.52
CA ILE A 53 -2.56 -14.40 -17.22
C ILE A 53 -1.34 -13.50 -17.08
N GLU A 54 -1.55 -12.20 -17.24
CA GLU A 54 -0.49 -11.21 -17.17
C GLU A 54 -0.43 -10.63 -15.76
N ASN A 55 0.38 -9.59 -15.58
CA ASN A 55 0.56 -8.94 -14.28
C ASN A 55 -0.11 -7.57 -14.36
N CYS A 56 -1.39 -7.52 -13.98
CA CYS A 56 -2.16 -6.29 -14.06
C CYS A 56 -1.67 -5.28 -13.03
N THR A 57 -1.57 -4.02 -13.45
CA THR A 57 -1.18 -2.93 -12.56
C THR A 57 -2.27 -1.86 -12.60
N ILE A 58 -2.77 -1.47 -11.43
CA ILE A 58 -3.78 -0.44 -11.31
C ILE A 58 -3.16 0.73 -10.56
N GLY A 59 -2.95 1.83 -11.27
CA GLY A 59 -2.29 2.98 -10.68
C GLY A 59 -2.25 4.14 -11.64
N SER A 60 -1.59 5.21 -11.21
CA SER A 60 -1.56 6.44 -12.00
C SER A 60 -0.23 7.15 -11.77
N PHE A 61 0.12 8.03 -12.70
CA PHE A 61 1.34 8.83 -12.61
C PHE A 61 1.02 10.08 -11.79
N VAL A 62 1.41 10.07 -10.52
CA VAL A 62 1.11 11.16 -9.62
C VAL A 62 2.28 12.14 -9.59
N GLU A 63 1.98 13.39 -9.21
CA GLU A 63 2.99 14.44 -9.10
C GLU A 63 3.32 14.77 -7.66
N HIS A 64 2.33 15.17 -6.87
CA HIS A 64 2.55 15.52 -5.47
C HIS A 64 1.21 15.49 -4.74
N MET A 65 1.26 15.14 -3.45
CA MET A 65 0.08 15.05 -2.61
C MET A 65 0.42 15.50 -1.20
N ASP A 66 -0.50 16.22 -0.57
CA ASP A 66 -0.30 16.65 0.80
C ASP A 66 -0.34 15.45 1.75
N VAL A 67 0.35 15.59 2.88
CA VAL A 67 0.49 14.48 3.82
C VAL A 67 -0.87 14.07 4.38
N ALA A 68 -1.73 15.04 4.68
CA ALA A 68 -3.01 14.73 5.29
C ALA A 68 -3.89 13.91 4.36
N THR A 69 -3.89 14.24 3.06
CA THR A 69 -4.73 13.52 2.11
C THR A 69 -4.16 12.14 1.82
N TYR A 70 -2.83 12.04 1.68
CA TYR A 70 -2.21 10.74 1.38
C TYR A 70 -2.37 9.75 2.51
N ASP A 71 -2.53 10.22 3.74
CA ASP A 71 -2.72 9.29 4.87
C ASP A 71 -3.91 8.37 4.62
N ARG A 72 -4.99 8.92 4.08
CA ARG A 72 -6.09 8.06 3.64
C ARG A 72 -5.65 7.13 2.52
N MET A 73 -4.87 7.65 1.58
CA MET A 73 -4.49 6.86 0.40
C MET A 73 -3.66 5.65 0.81
N CYS A 74 -2.67 5.85 1.68
CA CYS A 74 -1.89 4.72 2.17
C CYS A 74 -2.71 3.83 3.09
N ASN A 75 -3.71 4.38 3.77
CA ASN A 75 -4.66 3.55 4.48
C ASN A 75 -5.64 2.85 3.54
N MET A 76 -5.93 3.45 2.39
CA MET A 76 -6.84 2.83 1.44
C MET A 76 -6.22 1.59 0.80
N GLY A 77 -4.95 1.67 0.41
CA GLY A 77 -4.28 0.56 -0.24
C GLY A 77 -3.32 0.99 -1.33
N PHE A 78 -3.45 2.24 -1.78
CA PHE A 78 -2.59 2.80 -2.82
C PHE A 78 -1.25 3.25 -2.24
N ARG A 79 -0.49 2.28 -1.72
CA ARG A 79 0.78 2.58 -1.07
C ARG A 79 1.80 3.06 -2.09
N ARG A 80 2.57 4.08 -1.70
CA ARG A 80 3.60 4.63 -2.57
C ARG A 80 4.70 3.61 -2.82
N SER A 81 5.06 3.45 -4.10
CA SER A 81 6.23 2.67 -4.52
C SER A 81 6.76 3.37 -5.76
N GLY A 82 7.73 4.27 -5.56
CA GLY A 82 8.10 5.19 -6.60
C GLY A 82 7.02 6.23 -6.82
N LYS A 83 7.09 6.89 -7.97
CA LYS A 83 6.07 7.88 -8.31
C LYS A 83 4.86 7.28 -9.01
N PHE A 84 4.87 5.98 -9.28
CA PHE A 84 3.70 5.29 -9.82
C PHE A 84 2.86 4.79 -8.65
N LEU A 85 2.06 5.70 -8.10
CA LEU A 85 1.13 5.34 -7.03
C LEU A 85 0.13 4.31 -7.54
N TYR A 86 0.25 3.08 -7.06
CA TYR A 86 -0.45 1.95 -7.67
C TYR A 86 -1.15 1.13 -6.60
N LYS A 87 -1.93 0.15 -7.07
CA LYS A 87 -2.59 -0.84 -6.23
C LYS A 87 -2.92 -2.03 -7.12
N VAL A 88 -3.19 -3.17 -6.49
CA VAL A 88 -3.57 -4.38 -7.20
C VAL A 88 -4.94 -4.83 -6.71
N ASP A 89 -5.85 -5.04 -7.65
CA ASP A 89 -7.19 -5.50 -7.29
C ASP A 89 -7.11 -6.91 -6.69
N PRO A 90 -7.91 -7.21 -5.66
CA PRO A 90 -7.84 -8.53 -5.03
C PRO A 90 -8.45 -9.66 -5.85
N LEU A 91 -9.01 -9.37 -7.02
CA LEU A 91 -9.74 -10.40 -7.77
C LEU A 91 -8.87 -11.12 -8.79
N ARG A 92 -8.29 -10.38 -9.74
CA ARG A 92 -7.76 -11.00 -10.95
C ARG A 92 -6.24 -11.16 -10.94
N ASN A 93 -5.52 -10.11 -10.58
CA ASN A 93 -4.08 -10.07 -10.82
C ASN A 93 -3.35 -11.13 -10.00
N CYS A 94 -2.17 -11.51 -10.49
CA CYS A 94 -1.39 -12.61 -9.93
C CYS A 94 -0.49 -12.21 -8.78
N CYS A 95 -0.35 -10.92 -8.49
CA CYS A 95 0.50 -10.44 -7.40
C CYS A 95 -0.26 -9.31 -6.69
N ARG A 96 -1.00 -9.68 -5.65
CA ARG A 96 -1.84 -8.74 -4.93
C ARG A 96 -1.06 -8.05 -3.82
N LEU A 97 -1.48 -6.83 -3.49
CA LEU A 97 -0.84 -6.05 -2.44
C LEU A 97 -1.88 -5.22 -1.72
N TYR A 98 -1.61 -4.91 -0.45
CA TYR A 98 -2.44 -4.04 0.36
C TYR A 98 -1.70 -3.70 1.64
N THR A 99 -1.89 -2.46 2.09
CA THR A 99 -1.11 -1.92 3.20
C THR A 99 -1.40 -2.69 4.49
N ILE A 100 -0.43 -2.67 5.40
CA ILE A 100 -0.56 -3.33 6.69
C ILE A 100 -0.10 -2.37 7.79
N ARG A 101 -0.65 -2.57 8.98
CA ARG A 101 -0.31 -1.75 10.14
C ARG A 101 0.09 -2.64 11.30
N THR A 102 0.97 -2.13 12.15
CA THR A 102 1.43 -2.83 13.34
C THR A 102 1.29 -1.91 14.55
N ALA A 103 0.88 -2.48 15.67
CA ALA A 103 0.72 -1.73 16.92
C ALA A 103 1.73 -2.24 17.95
N PRO A 104 2.67 -1.41 18.41
CA PRO A 104 3.68 -1.89 19.36
C PRO A 104 3.19 -2.05 20.78
N GLN A 105 1.99 -1.56 21.10
CA GLN A 105 1.51 -1.63 22.48
C GLN A 105 1.17 -3.05 22.91
N GLU A 106 0.53 -3.82 22.03
CA GLU A 106 0.06 -5.17 22.37
C GLU A 106 0.32 -6.13 21.22
N LEU A 107 1.51 -6.05 20.61
CA LEU A 107 1.86 -6.98 19.55
C LEU A 107 2.06 -8.38 20.13
N ASN A 108 1.46 -9.37 19.47
CA ASN A 108 1.56 -10.76 19.92
C ASN A 108 2.63 -11.50 19.12
N MET A 109 3.87 -11.10 19.38
CA MET A 109 5.02 -11.72 18.71
C MET A 109 5.19 -13.16 19.17
N THR A 110 5.74 -13.99 18.28
CA THR A 110 5.96 -15.39 18.58
C THR A 110 7.14 -15.56 19.53
N LYS A 111 7.15 -16.70 20.23
CA LYS A 111 8.23 -16.99 21.18
C LYS A 111 9.54 -17.36 20.48
N GLU A 112 9.48 -17.73 19.20
CA GLU A 112 10.71 -18.08 18.49
C GLU A 112 11.62 -16.87 18.32
N LEU A 113 11.05 -15.70 18.00
CA LEU A 113 11.87 -14.50 17.84
C LEU A 113 12.17 -13.84 19.19
N LYS A 114 11.55 -14.32 20.27
CA LYS A 114 11.81 -13.75 21.59
C LYS A 114 13.26 -13.98 22.02
N LYS A 115 13.90 -15.03 21.52
CA LYS A 115 15.31 -15.24 21.81
C LYS A 115 16.21 -14.28 21.05
N CYS A 116 15.73 -13.69 19.97
CA CYS A 116 16.57 -12.79 19.17
C CYS A 116 16.90 -11.52 19.94
N ILE A 117 15.92 -10.95 20.64
CA ILE A 117 16.16 -9.73 21.40
C ILE A 117 17.13 -9.99 22.54
N SER A 118 17.19 -11.24 23.02
CA SER A 118 18.12 -11.58 24.09
C SER A 118 19.57 -11.54 23.62
N ARG A 119 19.81 -11.57 22.30
CA ARG A 119 21.19 -11.66 21.81
C ARG A 119 21.81 -10.28 21.60
N PHE A 120 21.05 -9.31 21.09
CA PHE A 120 21.65 -8.03 20.74
C PHE A 120 21.96 -7.16 21.95
N ALA A 121 21.32 -7.42 23.08
CA ALA A 121 21.51 -6.59 24.26
C ALA A 121 22.72 -6.99 25.10
N THR A 122 23.11 -8.27 25.06
CA THR A 122 24.26 -8.71 25.84
C THR A 122 25.56 -8.13 25.30
N ARG A 123 25.77 -8.25 23.99
CA ARG A 123 27.06 -7.90 23.41
C ARG A 123 27.33 -6.40 23.49
N ILE A 124 26.27 -5.58 23.34
CA ILE A 124 26.44 -4.13 23.28
C ILE A 124 26.95 -3.57 24.60
N THR A 125 26.52 -4.16 25.72
CA THR A 125 26.91 -3.64 27.03
C THR A 125 28.42 -3.80 27.25
N SER A 126 28.98 -2.85 28.01
CA SER A 126 30.42 -2.79 28.23
C SER A 126 30.86 -3.70 29.39
N GLU A 127 30.57 -5.00 29.26
CA GLU A 127 31.01 -6.00 30.21
C GLU A 127 30.52 -5.73 31.62
N ASP A 128 31.41 -5.20 32.48
CA ASP A 128 31.09 -5.05 33.89
C ASP A 128 29.94 -4.07 34.11
N TYR A 129 29.89 -3.00 33.32
CA TYR A 129 28.83 -2.01 33.49
C TYR A 129 27.46 -2.63 33.24
N CYS A 130 26.53 -2.38 34.16
CA CYS A 130 25.17 -2.88 34.06
C CYS A 130 24.20 -1.88 34.68
N PRO A 131 23.09 -1.55 34.00
CA PRO A 131 22.07 -0.65 34.55
C PRO A 131 21.18 -1.32 35.60
N ALA A 132 21.80 -1.98 36.56
CA ALA A 132 21.15 -2.69 37.67
C ALA A 132 20.40 -3.93 37.17
N ALA A 133 20.37 -4.98 37.99
CA ALA A 133 19.66 -6.21 37.68
C ALA A 133 18.27 -6.12 38.27
N VAL A 134 17.31 -5.64 37.47
CA VAL A 134 15.94 -5.43 37.90
C VAL A 134 15.00 -6.09 36.89
N ALA A 135 13.73 -6.16 37.27
CA ALA A 135 12.72 -6.74 36.39
C ALA A 135 12.60 -5.91 35.12
N SER A 136 12.55 -6.61 33.97
CA SER A 136 12.48 -5.97 32.67
C SER A 136 11.36 -6.58 31.83
N SER A 137 10.16 -6.68 32.41
CA SER A 137 9.02 -7.21 31.67
C SER A 137 8.75 -6.41 30.41
N ASP A 138 8.86 -5.08 30.50
CA ASP A 138 8.76 -4.20 29.34
C ASP A 138 10.17 -3.99 28.81
N PHE A 139 10.42 -4.49 27.60
CA PHE A 139 11.73 -4.48 26.96
C PHE A 139 12.20 -3.08 26.52
N VAL A 140 11.44 -2.02 26.80
CA VAL A 140 11.86 -0.68 26.40
C VAL A 140 13.03 -0.21 27.25
N GLY A 141 13.02 -0.52 28.56
CA GLY A 141 13.94 0.11 29.49
C GLY A 141 15.40 -0.18 29.23
N LYS A 142 15.71 -1.38 28.74
CA LYS A 142 17.10 -1.81 28.59
C LYS A 142 17.72 -1.40 27.25
N ILE A 143 16.98 -0.66 26.42
CA ILE A 143 17.48 -0.23 25.12
C ILE A 143 17.57 1.29 25.03
N VAL A 144 16.57 2.00 25.56
CA VAL A 144 16.54 3.45 25.43
C VAL A 144 17.69 4.10 26.19
N ASN A 145 17.96 3.63 27.41
CA ASN A 145 18.96 4.24 28.27
C ASN A 145 20.35 3.62 28.13
N ALA A 146 20.54 2.69 27.18
CA ALA A 146 21.83 2.06 26.97
C ALA A 146 22.57 2.58 25.74
N GLU A 147 21.86 3.19 24.78
CA GLU A 147 22.51 3.63 23.56
C GLU A 147 23.24 4.96 23.72
N MET A 148 22.91 5.73 24.76
CA MET A 148 23.48 7.05 24.93
C MET A 148 24.68 7.10 25.86
N ASN A 149 24.74 6.23 26.87
CA ASN A 149 25.83 6.26 27.84
C ASN A 149 27.03 5.43 27.39
N SER A 150 27.15 5.15 26.10
CA SER A 150 28.25 4.35 25.59
C SER A 150 28.51 4.73 24.15
N LYS A 151 29.51 4.07 23.55
CA LYS A 151 29.92 4.32 22.18
C LYS A 151 29.85 3.05 21.34
N THR A 152 29.11 2.04 21.82
CA THR A 152 28.99 0.77 21.12
C THR A 152 28.36 0.94 19.75
N PHE A 153 27.11 1.39 19.70
CA PHE A 153 26.39 1.55 18.44
C PHE A 153 25.41 2.70 18.56
N TYR A 154 25.78 3.86 18.02
CA TYR A 154 24.95 5.05 18.07
C TYR A 154 24.43 5.39 16.68
N THR A 155 23.23 5.93 16.63
CA THR A 155 22.51 6.20 15.38
C THR A 155 22.34 7.70 15.17
N ARG A 156 21.73 8.05 14.05
CA ARG A 156 21.50 9.45 13.71
C ARG A 156 20.43 9.52 12.63
N PHE A 157 19.45 10.39 12.84
CA PHE A 157 18.36 10.58 11.88
C PHE A 157 18.82 11.49 10.75
N GLU A 158 18.36 11.17 9.53
CA GLU A 158 18.66 11.97 8.35
C GLU A 158 17.44 11.99 7.44
N PRO A 159 17.28 13.03 6.63
CA PRO A 159 16.19 13.03 5.65
C PRO A 159 16.46 12.07 4.49
N ALA A 160 15.52 11.96 3.56
CA ALA A 160 15.71 11.12 2.38
C ALA A 160 16.39 11.95 1.30
N LEU A 161 17.69 11.71 1.10
CA LEU A 161 18.47 12.48 0.13
C LEU A 161 19.58 11.58 -0.39
N TYR A 162 20.58 12.18 -1.01
CA TYR A 162 21.69 11.47 -1.64
C TYR A 162 22.94 11.61 -0.77
N SER A 163 23.59 10.47 -0.51
CA SER A 163 24.80 10.43 0.28
C SER A 163 25.77 9.45 -0.35
N GLU A 164 27.01 9.91 -0.57
CA GLU A 164 27.98 9.08 -1.28
C GLU A 164 28.46 7.92 -0.41
N GLU A 165 28.40 8.08 0.92
CA GLU A 165 28.91 7.05 1.81
C GLU A 165 28.14 5.74 1.67
N LYS A 166 26.83 5.81 1.45
CA LYS A 166 26.02 4.60 1.34
C LYS A 166 26.26 3.87 0.01
N TYR A 167 26.89 4.54 -0.95
CA TYR A 167 27.06 3.95 -2.28
C TYR A 167 27.91 2.68 -2.23
N HIS A 168 28.93 2.65 -1.38
CA HIS A 168 29.84 1.51 -1.33
C HIS A 168 29.08 0.23 -0.97
N LEU A 169 28.26 0.27 0.08
CA LEU A 169 27.50 -0.92 0.45
C LEU A 169 26.25 -1.09 -0.40
N PHE A 170 25.80 -0.02 -1.07
CA PHE A 170 24.59 -0.13 -1.87
C PHE A 170 24.78 -1.00 -3.10
N VAL A 171 26.03 -1.07 -3.60
CA VAL A 171 26.31 -1.81 -4.82
C VAL A 171 26.79 -3.22 -4.48
N LYS A 172 27.75 -3.32 -3.56
CA LYS A 172 28.33 -4.61 -3.22
C LYS A 172 27.29 -5.53 -2.58
N TYR A 173 26.43 -4.99 -1.73
CA TYR A 173 25.39 -5.81 -1.09
C TYR A 173 24.46 -6.42 -2.14
N GLN A 174 24.06 -5.63 -3.13
CA GLN A 174 23.28 -6.18 -4.24
C GLN A 174 24.09 -7.21 -5.02
N GLU A 175 25.39 -6.93 -5.22
CA GLU A 175 26.26 -7.90 -5.88
C GLU A 175 26.54 -9.12 -5.00
N LYS A 176 26.19 -9.08 -3.72
CA LYS A 176 26.49 -10.16 -2.80
C LYS A 176 25.27 -11.01 -2.43
N VAL A 177 24.10 -10.40 -2.28
CA VAL A 177 22.93 -11.16 -1.83
C VAL A 177 21.81 -11.09 -2.87
N HIS A 178 21.88 -10.09 -3.76
CA HIS A 178 20.87 -9.92 -4.80
C HIS A 178 21.38 -10.33 -6.18
N GLN A 179 22.67 -10.60 -6.33
CA GLN A 179 23.27 -10.98 -7.61
C GLN A 179 23.07 -9.90 -8.67
N ASP A 180 22.92 -8.64 -8.27
CA ASP A 180 22.71 -7.55 -9.19
C ASP A 180 24.06 -6.90 -9.49
N TYR A 181 24.79 -7.52 -10.40
CA TYR A 181 26.12 -7.06 -10.79
C TYR A 181 26.08 -5.91 -11.77
N ASN A 182 24.90 -5.52 -12.25
CA ASN A 182 24.72 -4.41 -13.18
C ASN A 182 23.78 -3.40 -12.50
N ASN A 183 24.35 -2.50 -11.71
CA ASN A 183 23.59 -1.49 -10.98
C ASN A 183 23.96 -0.11 -11.50
N SER A 184 23.10 0.46 -12.33
CA SER A 184 23.27 1.82 -12.78
C SER A 184 23.05 2.79 -11.61
N PRO A 185 23.66 3.98 -11.66
CA PRO A 185 23.43 4.94 -10.57
C PRO A 185 21.98 5.38 -10.45
N LYS A 186 21.18 5.25 -11.51
CA LYS A 186 19.78 5.63 -11.46
C LYS A 186 18.96 4.78 -10.50
N SER A 187 19.47 3.61 -10.11
CA SER A 187 18.74 2.73 -9.21
C SER A 187 18.72 3.25 -7.78
N PHE A 188 19.52 4.26 -7.45
CA PHE A 188 19.53 4.88 -6.13
C PHE A 188 18.80 6.21 -6.11
N LYS A 189 19.00 7.04 -7.14
CA LYS A 189 18.35 8.35 -7.18
C LYS A 189 16.84 8.22 -7.34
N ARG A 190 16.38 7.27 -8.16
CA ARG A 190 14.95 7.13 -8.39
C ARG A 190 14.24 6.53 -7.18
N PHE A 191 14.86 5.54 -6.53
CA PHE A 191 14.17 4.79 -5.48
C PHE A 191 13.94 5.63 -4.22
N LEU A 192 14.98 6.31 -3.72
CA LEU A 192 14.90 6.88 -2.39
C LEU A 192 15.25 8.37 -2.38
N CYS A 193 15.00 9.08 -3.48
CA CYS A 193 15.21 10.51 -3.53
C CYS A 193 14.07 11.28 -4.18
N ASP A 194 13.19 10.62 -4.94
CA ASP A 194 12.06 11.27 -5.60
C ASP A 194 10.79 10.59 -5.13
N THR A 195 10.20 11.11 -4.04
CA THR A 195 8.99 10.57 -3.45
C THR A 195 7.79 11.47 -3.75
N PRO A 196 6.59 10.90 -3.81
CA PRO A 196 5.40 11.75 -4.06
C PRO A 196 5.12 12.74 -2.95
N PHE A 197 5.69 12.56 -1.76
CA PHE A 197 5.46 13.49 -0.68
C PHE A 197 6.02 14.88 -1.02
N GLY A 198 5.39 15.90 -0.47
CA GLY A 198 5.79 17.27 -0.69
C GLY A 198 7.21 17.54 -0.22
N PRO A 199 7.99 18.25 -1.05
CA PRO A 199 9.38 18.54 -0.65
C PRO A 199 9.48 19.38 0.62
N GLU A 200 8.54 20.31 0.85
CA GLU A 200 8.55 21.07 2.09
C GLU A 200 8.19 20.19 3.28
N ALA A 201 7.30 19.21 3.07
CA ALA A 201 6.95 18.28 4.14
C ALA A 201 8.16 17.44 4.54
N VAL A 202 8.95 16.98 3.57
CA VAL A 202 10.16 16.22 3.88
C VAL A 202 11.15 17.09 4.64
N LEU A 203 11.33 18.33 4.19
CA LEU A 203 12.25 19.24 4.88
C LEU A 203 11.66 19.68 6.22
N GLY A 204 10.51 20.34 6.18
CA GLY A 204 9.89 20.80 7.41
C GLY A 204 10.80 21.74 8.17
N THR A 205 11.00 21.44 9.45
CA THR A 205 11.92 22.18 10.31
C THR A 205 12.84 21.19 11.01
N GLN A 206 14.07 21.63 11.26
CA GLN A 206 15.03 20.78 11.97
C GLN A 206 14.59 20.52 13.40
N GLU A 207 13.73 21.39 13.96
CA GLU A 207 13.24 21.18 15.31
C GLU A 207 12.55 19.83 15.46
N SER A 208 11.75 19.45 14.47
CA SER A 208 11.13 18.13 14.49
C SER A 208 12.20 17.04 14.48
N TRP A 209 13.23 17.20 13.66
CA TRP A 209 14.35 16.28 13.68
C TRP A 209 15.13 16.38 14.99
N GLU A 210 15.25 17.60 15.53
CA GLU A 210 15.99 17.78 16.77
C GLU A 210 15.35 17.00 17.92
N GLN A 211 14.02 17.07 18.03
CA GLN A 211 13.35 16.29 19.05
C GLN A 211 13.28 14.81 18.69
N LEU A 212 13.29 14.49 17.39
CA LEU A 212 13.22 13.10 16.99
C LEU A 212 14.43 12.32 17.47
N ASN A 213 15.63 12.88 17.30
CA ASN A 213 16.83 12.23 17.84
C ASN A 213 16.87 12.29 19.35
N ASN A 214 16.07 13.16 19.97
CA ASN A 214 15.93 13.23 21.41
C ASN A 214 14.79 12.34 21.93
N TRP A 215 14.35 11.36 21.13
CA TRP A 215 13.25 10.50 21.53
C TRP A 215 13.57 9.70 22.77
N GLN A 216 14.86 9.56 23.10
CA GLN A 216 15.25 8.73 24.25
C GLN A 216 14.71 9.29 25.55
N ARG A 217 14.78 10.61 25.73
CA ARG A 217 14.39 11.24 26.98
C ARG A 217 13.24 12.23 26.84
N MET A 218 12.70 12.42 25.65
CA MET A 218 11.59 13.35 25.48
C MET A 218 10.36 12.85 26.24
N LYS A 219 9.71 13.77 26.94
CA LYS A 219 8.52 13.43 27.71
C LYS A 219 7.33 13.24 26.78
N PRO A 220 6.53 12.18 26.95
CA PRO A 220 5.35 12.01 26.10
C PRO A 220 4.36 13.15 26.26
N GLY A 221 3.66 13.46 25.17
CA GLY A 221 2.71 14.55 25.12
C GLY A 221 3.19 15.73 24.30
N GLU A 222 4.48 15.79 23.98
CA GLU A 222 5.01 16.86 23.17
C GLU A 222 4.46 16.76 21.74
N LYS A 223 4.15 17.92 21.15
CA LYS A 223 3.56 17.96 19.83
C LYS A 223 4.61 17.60 18.78
N LEU A 224 4.40 16.49 18.08
CA LEU A 224 5.28 16.11 16.98
C LEU A 224 4.86 16.83 15.70
N LYS A 225 5.85 17.16 14.88
CA LYS A 225 5.63 17.87 13.63
C LYS A 225 6.50 17.29 12.53
N HIS A 226 6.54 15.95 12.44
CA HIS A 226 7.30 15.25 11.43
C HIS A 226 6.35 14.50 10.52
N MET A 227 6.53 14.66 9.21
CA MET A 227 5.63 14.09 8.21
C MET A 227 6.41 13.85 6.93
N GLY A 228 6.63 12.58 6.58
CA GLY A 228 7.33 12.23 5.37
C GLY A 228 8.26 11.05 5.55
N PRO A 229 9.17 10.86 4.60
CA PRO A 229 10.14 9.77 4.71
C PRO A 229 11.19 10.06 5.77
N VAL A 230 11.82 8.98 6.24
CA VAL A 230 12.83 9.06 7.29
C VAL A 230 14.00 8.15 6.91
N HIS A 231 15.20 8.58 7.27
CA HIS A 231 16.41 7.78 7.07
C HIS A 231 17.20 7.78 8.37
N GLU A 232 17.33 6.62 9.00
CA GLU A 232 18.05 6.48 10.26
C GLU A 232 19.28 5.63 10.02
N CYS A 233 20.42 6.28 9.83
CA CYS A 233 21.66 5.57 9.59
C CYS A 233 22.12 4.83 10.84
N TYR A 234 22.95 3.81 10.65
CA TYR A 234 23.44 2.98 11.74
C TYR A 234 24.97 3.09 11.78
N TYR A 235 25.45 4.09 12.50
CA TYR A 235 26.89 4.29 12.62
C TYR A 235 27.51 3.25 13.54
N TYR A 236 28.80 3.00 13.32
CA TYR A 236 29.61 2.16 14.20
C TYR A 236 31.04 2.66 14.12
N GLU A 237 31.63 2.99 15.26
CA GLU A 237 32.93 3.64 15.30
C GLU A 237 32.90 4.92 14.49
N GLY A 238 33.33 4.85 13.23
CA GLY A 238 33.29 6.00 12.35
C GLY A 238 32.83 5.69 10.94
N LYS A 239 31.99 4.67 10.79
CA LYS A 239 31.46 4.27 9.50
C LYS A 239 29.99 3.89 9.69
N LEU A 240 29.39 3.34 8.64
CA LEU A 240 27.99 2.92 8.65
C LEU A 240 27.89 1.47 8.20
N ILE A 241 26.94 0.74 8.78
CA ILE A 241 26.80 -0.69 8.50
C ILE A 241 25.36 -1.03 8.14
N ALA A 242 24.44 -0.09 8.32
CA ALA A 242 23.05 -0.33 7.98
C ALA A 242 22.37 1.01 7.71
N ILE A 243 21.39 1.00 6.81
CA ILE A 243 20.65 2.19 6.42
C ILE A 243 19.17 1.90 6.57
N THR A 244 18.53 2.52 7.55
CA THR A 244 17.09 2.39 7.71
C THR A 244 16.37 3.34 6.77
N VAL A 245 15.38 2.81 6.06
CA VAL A 245 14.55 3.61 5.16
C VAL A 245 13.09 3.35 5.51
N SER A 246 12.38 4.40 5.89
CA SER A 246 10.98 4.31 6.25
C SER A 246 10.35 5.69 6.13
N ASP A 247 9.02 5.72 6.15
CA ASP A 247 8.27 6.97 6.01
C ASP A 247 7.37 7.15 7.22
N ILE A 248 7.45 8.31 7.85
CA ILE A 248 6.68 8.62 9.04
C ILE A 248 5.54 9.53 8.63
N LEU A 249 4.34 8.98 8.55
CA LEU A 249 3.15 9.77 8.28
C LEU A 249 2.74 10.57 9.51
N PRO A 250 1.89 11.59 9.34
CA PRO A 250 1.36 12.31 10.50
C PRO A 250 0.52 11.44 11.43
N SER A 251 0.31 10.17 11.12
CA SER A 251 -0.42 9.27 12.00
C SER A 251 0.29 7.93 12.20
N GLY A 252 1.45 7.72 11.60
CA GLY A 252 2.14 6.46 11.74
C GLY A 252 3.47 6.48 11.01
N ILE A 253 4.11 5.30 10.98
CA ILE A 253 5.39 5.11 10.32
C ILE A 253 5.28 3.93 9.37
N SER A 254 5.73 4.12 8.13
CA SER A 254 5.70 3.06 7.12
C SER A 254 7.12 2.73 6.69
N SER A 255 7.47 1.45 6.73
CA SER A 255 8.81 0.97 6.41
C SER A 255 8.83 0.30 5.04
N VAL A 256 9.99 0.36 4.38
CA VAL A 256 10.10 -0.13 3.01
C VAL A 256 11.18 -1.21 2.86
N TYR A 257 12.44 -0.85 3.14
CA TYR A 257 13.58 -1.65 2.71
C TYR A 257 14.67 -1.63 3.79
N PHE A 258 15.77 -2.32 3.49
CA PHE A 258 16.94 -2.33 4.36
C PHE A 258 18.18 -2.62 3.52
N ILE A 259 19.33 -2.17 4.02
CA ILE A 259 20.61 -2.33 3.33
C ILE A 259 21.67 -2.70 4.36
N TRP A 260 22.55 -3.63 4.01
CA TRP A 260 23.66 -4.01 4.87
C TRP A 260 24.96 -3.76 4.14
N ASP A 261 26.04 -3.62 4.91
CA ASP A 261 27.37 -3.80 4.35
C ASP A 261 27.69 -5.29 4.28
N PRO A 262 28.22 -5.77 3.15
CA PRO A 262 28.37 -7.23 2.98
C PRO A 262 29.20 -7.91 4.06
N ASP A 263 30.43 -7.46 4.26
CA ASP A 263 31.31 -8.10 5.24
C ASP A 263 31.28 -7.41 6.60
N TYR A 264 30.78 -6.18 6.67
CA TYR A 264 30.67 -5.43 7.91
C TYR A 264 29.36 -5.68 8.65
N SER A 265 28.73 -6.83 8.42
CA SER A 265 27.44 -7.17 8.99
C SER A 265 27.56 -7.86 10.35
N LYS A 266 28.62 -7.54 11.10
CA LYS A 266 28.93 -8.26 12.32
C LYS A 266 27.80 -8.18 13.35
N TRP A 267 27.18 -7.01 13.49
CA TRP A 267 26.24 -6.78 14.58
C TRP A 267 24.81 -7.19 14.27
N SER A 268 24.61 -8.07 13.29
CA SER A 268 23.27 -8.58 12.94
C SER A 268 22.31 -7.43 12.65
N LEU A 269 22.71 -6.57 11.72
CA LEU A 269 22.02 -5.30 11.52
C LEU A 269 20.60 -5.49 10.97
N GLY A 270 20.26 -6.67 10.47
CA GLY A 270 18.97 -6.84 9.81
C GLY A 270 17.79 -6.63 10.76
N LYS A 271 17.86 -7.23 11.94
CA LYS A 271 16.77 -7.16 12.91
C LYS A 271 16.86 -5.97 13.85
N LEU A 272 17.96 -5.21 13.78
CA LEU A 272 18.14 -4.11 14.73
C LEU A 272 17.24 -2.93 14.42
N SER A 273 17.11 -2.57 13.14
CA SER A 273 16.25 -1.44 12.78
C SER A 273 14.80 -1.73 13.11
N ALA A 274 14.32 -2.93 12.82
CA ALA A 274 12.94 -3.28 13.11
C ALA A 274 12.67 -3.25 14.61
N LEU A 275 13.57 -3.82 15.40
CA LEU A 275 13.34 -3.90 16.84
C LEU A 275 13.61 -2.60 17.57
N ARG A 276 14.27 -1.63 16.93
CA ARG A 276 14.57 -0.36 17.58
C ARG A 276 13.99 0.81 16.79
N ASP A 277 12.88 0.58 16.08
CA ASP A 277 12.12 1.67 15.49
C ASP A 277 10.62 1.53 15.70
N LEU A 278 10.11 0.36 16.11
CA LEU A 278 8.75 0.29 16.61
C LEU A 278 8.66 0.76 18.06
N ALA A 279 9.78 0.85 18.76
CA ALA A 279 9.83 1.43 20.09
C ALA A 279 9.89 2.94 20.07
N ILE A 280 10.00 3.55 18.89
CA ILE A 280 9.87 5.00 18.76
C ILE A 280 8.46 5.43 19.17
N ILE A 281 7.46 4.61 18.86
CA ILE A 281 6.08 4.97 19.12
C ILE A 281 5.83 5.18 20.62
N GLN A 282 6.34 4.27 21.44
CA GLN A 282 6.10 4.38 22.89
C GLN A 282 6.73 5.66 23.43
N ARG A 283 7.96 5.97 23.01
CA ARG A 283 8.63 7.17 23.53
C ARG A 283 8.02 8.45 22.96
N THR A 284 7.52 8.42 21.74
CA THR A 284 6.84 9.56 21.14
C THR A 284 5.34 9.43 21.35
N ASN A 285 4.57 10.28 20.68
CA ASN A 285 3.11 10.23 20.76
C ASN A 285 2.48 9.60 19.52
N LEU A 286 3.28 8.94 18.68
CA LEU A 286 2.75 8.30 17.48
C LEU A 286 1.80 7.16 17.85
N GLN A 287 1.14 6.61 16.83
CA GLN A 287 0.07 5.65 17.07
C GLN A 287 0.24 4.37 16.25
N TYR A 288 0.83 4.48 15.06
CA TYR A 288 0.84 3.38 14.10
C TYR A 288 2.25 3.15 13.58
N TYR A 289 2.52 1.90 13.21
CA TYR A 289 3.71 1.53 12.46
C TYR A 289 3.30 0.63 11.31
N TYR A 290 3.39 1.14 10.09
CA TYR A 290 3.04 0.38 8.89
C TYR A 290 4.26 -0.41 8.43
N LEU A 291 4.11 -1.73 8.30
CA LEU A 291 5.22 -2.54 7.82
C LEU A 291 5.55 -2.24 6.37
N GLY A 292 4.57 -1.79 5.58
CA GLY A 292 4.79 -1.48 4.18
C GLY A 292 3.74 -2.09 3.27
N TYR A 293 4.18 -2.91 2.31
CA TYR A 293 3.27 -3.60 1.40
C TYR A 293 3.40 -5.09 1.61
N TYR A 294 2.28 -5.76 1.88
CA TYR A 294 2.26 -7.19 2.12
C TYR A 294 1.95 -7.94 0.83
N ILE A 295 2.54 -9.13 0.69
CA ILE A 295 2.30 -10.00 -0.46
C ILE A 295 2.18 -11.42 0.05
N GLU A 296 0.97 -11.96 0.05
CA GLU A 296 0.79 -13.37 0.39
C GLU A 296 1.28 -14.28 -0.73
N ASP A 297 1.13 -13.87 -1.99
CA ASP A 297 1.58 -14.69 -3.11
C ASP A 297 3.08 -14.89 -3.11
N CYS A 298 3.84 -14.07 -2.38
CA CYS A 298 5.27 -14.25 -2.27
C CYS A 298 5.59 -14.85 -0.91
N PRO A 299 6.02 -16.12 -0.83
CA PRO A 299 6.24 -16.75 0.48
C PRO A 299 7.33 -16.08 1.31
N LYS A 300 8.25 -15.34 0.70
CA LYS A 300 9.37 -14.78 1.44
C LYS A 300 8.91 -13.84 2.56
N MET A 301 7.78 -13.17 2.38
CA MET A 301 7.29 -12.17 3.32
C MET A 301 6.70 -12.79 4.60
N ASN A 302 6.83 -14.09 4.87
CA ASN A 302 6.21 -14.66 6.06
C ASN A 302 6.82 -14.14 7.35
N TYR A 303 8.05 -13.62 7.32
CA TYR A 303 8.64 -13.06 8.53
C TYR A 303 7.89 -11.83 9.00
N LYS A 304 7.21 -11.14 8.07
CA LYS A 304 6.39 -9.99 8.41
C LYS A 304 5.13 -10.37 9.19
N ALA A 305 4.77 -11.65 9.22
CA ALA A 305 3.65 -12.08 10.05
C ALA A 305 3.98 -11.92 11.53
N ASN A 306 5.23 -12.20 11.92
CA ASN A 306 5.67 -12.02 13.30
C ASN A 306 5.72 -10.56 13.70
N TYR A 307 5.63 -9.63 12.75
CA TYR A 307 5.64 -8.20 13.03
C TYR A 307 4.31 -7.69 13.54
N GLY A 308 3.29 -8.54 13.62
CA GLY A 308 1.97 -8.07 13.99
C GLY A 308 1.31 -7.20 12.95
N ALA A 309 1.32 -7.64 11.69
CA ALA A 309 0.80 -6.85 10.59
C ALA A 309 -0.73 -6.85 10.62
N GLU A 310 -1.34 -6.28 9.59
CA GLU A 310 -2.79 -6.11 9.54
C GLU A 310 -3.23 -6.14 8.08
N VAL A 311 -3.69 -7.30 7.62
CA VAL A 311 -4.18 -7.41 6.24
C VAL A 311 -5.35 -6.47 6.05
N LEU A 312 -5.24 -5.60 5.05
CA LEU A 312 -6.22 -4.55 4.84
C LEU A 312 -7.35 -5.05 3.94
N ASP A 313 -8.36 -4.20 3.75
CA ASP A 313 -9.42 -4.44 2.79
C ASP A 313 -9.73 -3.12 2.10
N VAL A 314 -9.86 -3.19 0.77
CA VAL A 314 -10.01 -1.99 -0.02
C VAL A 314 -11.46 -1.72 -0.42
N CYS A 315 -12.33 -2.73 -0.41
CA CYS A 315 -13.71 -2.51 -0.82
C CYS A 315 -14.53 -1.84 0.28
N HIS A 316 -14.20 -2.09 1.55
CA HIS A 316 -14.99 -1.57 2.65
C HIS A 316 -14.17 -0.84 3.71
N SER A 317 -12.85 -0.76 3.55
CA SER A 317 -11.98 0.03 4.43
C SER A 317 -12.11 -0.41 5.89
N LYS A 318 -12.07 -1.72 6.11
CA LYS A 318 -12.16 -2.30 7.44
C LYS A 318 -10.89 -3.07 7.75
N TYR A 319 -10.11 -2.56 8.70
CA TYR A 319 -8.90 -3.24 9.13
C TYR A 319 -9.24 -4.53 9.89
N ILE A 320 -8.36 -5.51 9.75
CA ILE A 320 -8.50 -6.80 10.44
C ILE A 320 -7.11 -7.35 10.71
N PRO A 321 -6.80 -7.72 11.96
CA PRO A 321 -5.44 -8.17 12.29
C PRO A 321 -5.04 -9.40 11.48
N LEU A 322 -3.74 -9.48 11.16
CA LEU A 322 -3.23 -10.55 10.31
C LEU A 322 -3.37 -11.91 10.97
N LYS A 323 -2.99 -12.03 12.24
CA LYS A 323 -2.94 -13.33 12.89
C LYS A 323 -4.29 -14.04 12.95
N PRO A 324 -5.41 -13.38 13.30
CA PRO A 324 -6.70 -14.09 13.26
C PRO A 324 -7.11 -14.57 11.87
N ILE A 325 -6.56 -13.99 10.81
CA ILE A 325 -6.92 -14.38 9.45
C ILE A 325 -5.70 -14.91 8.72
N GLN A 326 -4.77 -15.53 9.45
CA GLN A 326 -3.57 -16.07 8.84
C GLN A 326 -3.91 -17.16 7.82
N ASP A 327 -4.80 -18.08 8.19
CA ASP A 327 -5.19 -19.14 7.27
C ASP A 327 -6.18 -18.65 6.22
N MET A 328 -7.04 -17.70 6.58
CA MET A 328 -8.05 -17.22 5.63
C MET A 328 -7.41 -16.53 4.44
N ILE A 329 -6.37 -15.71 4.68
CA ILE A 329 -5.71 -14.98 3.60
C ILE A 329 -4.77 -15.85 2.80
N SER A 330 -4.56 -17.10 3.21
CA SER A 330 -3.61 -17.96 2.53
C SER A 330 -4.13 -18.38 1.15
N ARG A 331 -3.21 -18.89 0.33
CA ARG A 331 -3.48 -19.39 -1.02
C ARG A 331 -3.96 -18.31 -1.96
N GLY A 332 -3.72 -17.04 -1.64
CA GLY A 332 -4.05 -15.94 -2.53
C GLY A 332 -5.52 -15.86 -2.90
N LYS A 333 -6.39 -16.00 -1.91
CA LYS A 333 -7.83 -15.90 -2.14
C LYS A 333 -8.31 -14.47 -1.93
N LEU A 334 -9.50 -14.20 -2.45
CA LEU A 334 -10.10 -12.88 -2.27
C LEU A 334 -10.48 -12.66 -0.80
N PHE A 335 -10.51 -11.40 -0.40
CA PHE A 335 -10.79 -11.06 0.99
C PHE A 335 -11.59 -9.76 1.01
N VAL A 336 -12.91 -9.89 1.06
CA VAL A 336 -13.81 -8.76 1.28
C VAL A 336 -14.80 -9.17 2.37
N ILE A 337 -14.83 -8.41 3.46
CA ILE A 337 -15.67 -8.75 4.60
C ILE A 337 -17.05 -8.15 4.38
N GLY A 338 -18.09 -8.97 4.59
CA GLY A 338 -19.46 -8.53 4.44
C GLY A 338 -20.04 -7.96 5.72
N GLU A 339 -21.37 -7.86 5.74
CA GLU A 339 -22.07 -7.26 6.87
C GLU A 339 -23.12 -8.23 7.42
N GLU A 340 -23.86 -7.79 8.45
CA GLU A 340 -24.98 -8.58 8.94
C GLU A 340 -26.10 -8.67 7.92
N GLU A 341 -26.14 -7.74 6.96
CA GLU A 341 -27.12 -7.75 5.88
C GLU A 341 -26.60 -8.45 4.64
N THR A 342 -25.81 -9.51 4.80
CA THR A 342 -25.23 -10.23 3.67
C THR A 342 -26.32 -10.72 2.74
N LYS A 343 -26.15 -10.45 1.44
CA LYS A 343 -27.06 -10.90 0.40
C LYS A 343 -26.24 -11.44 -0.76
N VAL A 344 -26.68 -12.56 -1.32
CA VAL A 344 -25.97 -13.22 -2.41
C VAL A 344 -26.60 -12.87 -3.76
N THR A 345 -27.49 -11.88 -3.79
CA THR A 345 -28.14 -11.45 -5.02
C THR A 345 -28.07 -9.95 -5.26
N LYS A 346 -27.74 -9.14 -4.26
CA LYS A 346 -27.62 -7.71 -4.40
C LYS A 346 -26.19 -7.27 -4.12
N GLU A 347 -25.77 -6.20 -4.79
CA GLU A 347 -24.41 -5.72 -4.67
C GLU A 347 -24.24 -4.90 -3.39
N LEU A 348 -23.00 -4.51 -3.12
CA LEU A 348 -22.64 -3.83 -1.88
C LEU A 348 -22.95 -2.34 -1.98
N TYR A 349 -23.53 -1.80 -0.92
CA TYR A 349 -23.66 -0.36 -0.76
C TYR A 349 -22.36 0.19 -0.16
N LEU A 350 -22.03 1.42 -0.52
CA LEU A 350 -20.79 2.04 -0.08
C LEU A 350 -21.10 3.30 0.73
N VAL A 351 -20.09 3.74 1.48
CA VAL A 351 -20.21 4.89 2.37
C VAL A 351 -19.07 5.85 2.07
N ASP A 352 -19.41 7.13 1.92
CA ASP A 352 -18.44 8.19 1.60
C ASP A 352 -18.49 9.23 2.71
N SER A 353 -17.56 9.12 3.66
CA SER A 353 -17.49 10.02 4.80
C SER A 353 -16.07 10.50 4.99
N GLU A 354 -15.91 11.58 5.76
CA GLU A 354 -14.57 12.07 6.08
C GLU A 354 -13.79 11.02 6.87
N THR A 355 -14.41 10.41 7.86
CA THR A 355 -13.77 9.34 8.63
C THR A 355 -14.19 7.95 8.18
N GLY A 356 -15.03 7.84 7.15
CA GLY A 356 -15.49 6.54 6.70
C GLY A 356 -15.08 6.21 5.28
N ARG A 357 -13.89 6.63 4.87
CA ARG A 357 -13.33 6.32 3.57
C ARG A 357 -11.88 5.88 3.72
N GLY A 358 -11.64 4.98 4.66
CA GLY A 358 -10.31 4.54 4.98
C GLY A 358 -9.63 5.35 6.07
N GLU A 359 -10.38 5.85 7.05
CA GLU A 359 -9.81 6.58 8.17
C GLU A 359 -10.09 5.83 9.47
N GLY A 360 -9.96 4.50 9.44
CA GLY A 360 -10.23 3.68 10.60
C GLY A 360 -11.70 3.37 10.76
N PHE A 361 -12.00 2.11 11.09
CA PHE A 361 -13.35 1.65 11.36
C PHE A 361 -13.33 0.99 12.73
N PRO A 362 -14.40 1.07 13.51
CA PRO A 362 -14.41 0.37 14.81
C PRO A 362 -14.21 -1.13 14.61
N THR A 363 -13.37 -1.70 15.47
CA THR A 363 -12.98 -3.10 15.35
C THR A 363 -13.07 -3.78 16.70
N ASP A 364 -13.51 -5.03 16.70
CA ASP A 364 -13.62 -5.84 17.90
C ASP A 364 -12.57 -6.95 17.86
N ASN A 365 -11.92 -7.19 19.00
CA ASN A 365 -10.80 -8.14 19.04
C ASN A 365 -11.29 -9.58 18.96
N VAL A 366 -12.11 -10.00 19.92
CA VAL A 366 -12.55 -11.41 19.98
C VAL A 366 -13.83 -11.50 19.16
N VAL A 367 -13.64 -11.75 17.86
CA VAL A 367 -14.76 -11.97 16.94
C VAL A 367 -14.36 -13.05 15.95
N LYS A 368 -15.29 -13.97 15.70
CA LYS A 368 -15.07 -15.08 14.77
C LYS A 368 -15.67 -14.70 13.41
N TYR A 369 -14.86 -14.01 12.61
CA TYR A 369 -15.30 -13.56 11.29
C TYR A 369 -15.45 -14.73 10.33
N LYS A 370 -16.24 -14.51 9.28
CA LYS A 370 -16.44 -15.48 8.23
C LYS A 370 -16.23 -14.79 6.88
N ASN A 371 -15.90 -15.60 5.87
CA ASN A 371 -15.58 -15.10 4.54
C ASN A 371 -16.82 -15.11 3.67
N ILE A 372 -17.14 -13.94 3.10
CA ILE A 372 -18.31 -13.79 2.23
C ILE A 372 -17.91 -13.37 0.82
N ALA A 373 -16.63 -13.06 0.60
CA ALA A 373 -16.19 -12.58 -0.70
C ALA A 373 -16.31 -13.66 -1.77
N GLU A 374 -16.26 -14.93 -1.36
CA GLU A 374 -16.34 -16.02 -2.33
C GLU A 374 -17.68 -16.03 -3.07
N GLU A 375 -18.75 -15.57 -2.41
CA GLU A 375 -20.08 -15.61 -2.98
C GLU A 375 -20.47 -14.34 -3.73
N ILE A 376 -19.50 -13.52 -4.13
CA ILE A 376 -19.75 -12.24 -4.77
C ILE A 376 -19.29 -12.23 -6.22
N TYR A 377 -17.99 -12.43 -6.46
CA TYR A 377 -17.40 -12.34 -7.78
C TYR A 377 -16.85 -13.68 -8.26
N GLY A 378 -17.57 -14.76 -7.96
CA GLY A 378 -17.12 -16.08 -8.37
C GLY A 378 -18.18 -16.89 -9.08
N VAL A 379 -17.87 -18.17 -9.33
CA VAL A 379 -18.84 -19.05 -9.99
C VAL A 379 -20.04 -19.27 -9.09
N GLY A 380 -19.81 -19.49 -7.79
CA GLY A 380 -20.88 -19.71 -6.85
C GLY A 380 -21.64 -18.47 -6.43
N GLY A 381 -21.21 -17.30 -6.87
CA GLY A 381 -21.89 -16.06 -6.52
C GLY A 381 -22.80 -15.60 -7.64
N CYS A 382 -24.03 -15.21 -7.26
CA CYS A 382 -24.99 -14.74 -8.24
C CYS A 382 -24.89 -13.25 -8.52
N ALA A 383 -24.00 -12.54 -7.82
CA ALA A 383 -23.87 -11.10 -8.01
C ALA A 383 -23.38 -10.75 -9.41
N PHE A 384 -22.77 -11.71 -10.11
CA PHE A 384 -22.28 -11.44 -11.46
C PHE A 384 -23.42 -11.13 -12.42
N LYS A 385 -24.54 -11.84 -12.29
CA LYS A 385 -25.68 -11.58 -13.17
C LYS A 385 -26.23 -10.18 -12.94
N SER A 386 -26.32 -9.75 -11.67
CA SER A 386 -26.76 -8.40 -11.38
C SER A 386 -25.76 -7.36 -11.89
N ALA A 387 -24.46 -7.66 -11.81
CA ALA A 387 -23.46 -6.75 -12.36
C ALA A 387 -23.51 -6.72 -13.88
N ASN A 388 -23.88 -7.85 -14.50
CA ASN A 388 -23.96 -7.91 -15.96
C ASN A 388 -25.01 -6.92 -16.49
N GLU A 389 -26.18 -6.90 -15.88
CA GLU A 389 -27.22 -5.97 -16.31
C GLU A 389 -26.99 -4.56 -15.79
N SER A 390 -26.12 -4.39 -14.79
CA SER A 390 -25.85 -3.06 -14.26
C SER A 390 -25.23 -2.16 -15.32
N ALA A 391 -24.31 -2.70 -16.12
CA ALA A 391 -23.67 -1.92 -17.16
C ALA A 391 -24.63 -1.49 -18.26
N LEU A 392 -25.66 -2.29 -18.52
CA LEU A 392 -26.62 -1.94 -19.57
C LEU A 392 -27.34 -0.64 -19.26
N GLU A 393 -27.76 -0.46 -18.00
CA GLU A 393 -28.48 0.76 -17.63
C GLU A 393 -27.57 1.98 -17.62
N LEU A 394 -26.26 1.80 -17.40
CA LEU A 394 -25.34 2.93 -17.37
C LEU A 394 -25.28 3.61 -18.73
N LYS A 395 -25.25 2.83 -19.82
CA LYS A 395 -25.16 3.40 -21.15
C LYS A 395 -26.42 4.16 -21.56
N GLU A 396 -27.60 3.68 -21.16
CA GLU A 396 -28.86 4.27 -21.58
C GLU A 396 -29.44 5.23 -20.53
N LEU A 397 -28.62 5.73 -19.62
CA LEU A 397 -29.10 6.66 -18.60
C LEU A 397 -28.56 8.07 -18.79
N TYR A 398 -27.28 8.23 -19.09
CA TYR A 398 -26.68 9.54 -19.29
C TYR A 398 -25.80 9.64 -20.53
N GLY A 399 -25.35 8.52 -21.09
CA GLY A 399 -24.51 8.57 -22.27
C GLY A 399 -23.03 8.56 -21.97
N ILE A 400 -22.58 7.56 -21.22
CA ILE A 400 -21.16 7.42 -20.88
C ILE A 400 -20.65 6.15 -21.54
N PRO A 401 -19.51 6.20 -22.25
CA PRO A 401 -19.07 5.04 -23.03
C PRO A 401 -18.58 3.87 -22.21
N TYR A 402 -19.48 3.28 -21.41
CA TYR A 402 -19.19 2.04 -20.69
C TYR A 402 -20.08 0.94 -21.27
N GLU A 403 -19.47 0.02 -22.00
CA GLU A 403 -20.18 -1.08 -22.65
C GLU A 403 -19.82 -2.39 -21.97
N GLU A 404 -20.82 -3.25 -21.78
CA GLU A 404 -20.60 -4.52 -21.12
C GLU A 404 -19.77 -5.46 -21.98
N GLU A 405 -19.19 -6.46 -21.33
CA GLU A 405 -18.43 -7.51 -22.01
C GLU A 405 -19.14 -8.84 -21.84
N ASP A 406 -18.88 -9.76 -22.77
CA ASP A 406 -19.56 -11.04 -22.78
C ASP A 406 -19.14 -11.89 -21.57
N LEU A 407 -19.77 -13.07 -21.47
CA LEU A 407 -19.51 -13.94 -20.32
C LEU A 407 -18.07 -14.43 -20.31
N ASP A 408 -17.60 -14.97 -21.44
CA ASP A 408 -16.23 -15.48 -21.55
C ASP A 408 -15.27 -14.41 -22.06
N THR A 409 -15.32 -13.23 -21.45
CA THR A 409 -14.43 -12.12 -21.83
C THR A 409 -13.87 -11.40 -20.61
N ILE A 410 -13.88 -12.02 -19.43
CA ILE A 410 -13.41 -11.36 -18.21
C ILE A 410 -11.93 -11.04 -18.30
N TYR A 411 -11.14 -11.90 -18.94
CA TYR A 411 -9.71 -11.71 -19.08
C TYR A 411 -9.35 -11.62 -20.55
N HIS A 412 -8.30 -10.85 -20.85
CA HIS A 412 -7.89 -10.65 -22.23
C HIS A 412 -7.45 -11.96 -22.87
N LEU A 413 -7.90 -12.20 -24.09
CA LEU A 413 -7.54 -13.42 -24.81
C LEU A 413 -6.08 -13.38 -25.23
N LYS A 414 -5.50 -14.57 -25.41
CA LYS A 414 -4.13 -14.65 -25.90
C LYS A 414 -4.00 -14.18 -27.34
N GLU A 415 -5.11 -14.04 -28.07
CA GLU A 415 -5.08 -13.45 -29.41
C GLU A 415 -4.97 -11.94 -29.35
N HIS A 416 -5.10 -11.33 -28.17
CA HIS A 416 -5.00 -9.89 -28.00
C HIS A 416 -3.56 -9.41 -27.86
N ASN A 417 -2.58 -10.28 -28.12
CA ASN A 417 -1.18 -9.88 -28.00
C ASN A 417 -0.82 -8.81 -29.03
N GLY A 418 -1.36 -8.93 -30.25
CA GLY A 418 -1.02 -7.99 -31.30
C GLY A 418 -1.62 -6.62 -31.16
N HIS A 419 -2.71 -6.49 -30.39
CA HIS A 419 -3.36 -5.20 -30.15
C HIS A 419 -3.59 -5.06 -28.66
N ALA A 420 -2.93 -4.08 -28.05
CA ALA A 420 -2.99 -3.92 -26.60
C ALA A 420 -4.42 -3.58 -26.17
N PRO A 421 -5.03 -4.35 -25.27
CA PRO A 421 -6.42 -4.09 -24.84
C PRO A 421 -6.49 -3.10 -23.67
N ASN A 422 -6.29 -1.83 -23.98
CA ASN A 422 -6.37 -0.79 -22.96
C ASN A 422 -7.80 -0.63 -22.48
N GLY A 423 -7.98 -0.59 -21.18
CA GLY A 423 -9.31 -0.45 -20.61
C GLY A 423 -9.28 -0.73 -19.11
N ILE A 424 -10.45 -0.52 -18.50
CA ILE A 424 -10.63 -0.69 -17.07
C ILE A 424 -11.68 -1.77 -16.86
N PRO A 425 -11.34 -2.92 -16.27
CA PRO A 425 -12.35 -3.93 -16.00
C PRO A 425 -13.44 -3.41 -15.06
N ASN A 426 -14.66 -3.88 -15.27
CA ASN A 426 -15.79 -3.43 -14.46
C ASN A 426 -15.93 -4.22 -13.17
N VAL A 427 -15.65 -5.53 -13.21
CA VAL A 427 -15.79 -6.36 -12.02
C VAL A 427 -14.48 -6.30 -11.22
N VAL A 428 -14.38 -5.32 -10.34
CA VAL A 428 -13.19 -5.15 -9.50
C VAL A 428 -13.64 -4.75 -8.10
N PRO A 429 -13.36 -5.55 -7.07
CA PRO A 429 -13.73 -5.14 -5.71
C PRO A 429 -13.07 -3.85 -5.26
N GLY A 430 -11.84 -3.60 -5.71
CA GLY A 430 -11.20 -2.33 -5.39
C GLY A 430 -11.93 -1.15 -5.99
N LEU A 431 -12.33 -1.28 -7.26
CA LEU A 431 -13.17 -0.27 -7.88
C LEU A 431 -14.55 -0.24 -7.25
N LEU A 432 -15.16 0.93 -7.24
CA LEU A 432 -16.49 1.07 -6.69
C LEU A 432 -17.49 0.28 -7.52
N PRO A 433 -18.29 -0.60 -6.91
CA PRO A 433 -19.29 -1.34 -7.68
C PRO A 433 -20.36 -0.42 -8.25
N LEU A 434 -20.95 -0.86 -9.35
CA LEU A 434 -21.95 -0.07 -10.06
C LEU A 434 -23.19 0.23 -9.21
N TRP A 435 -23.42 -0.54 -8.14
CA TRP A 435 -24.59 -0.33 -7.31
C TRP A 435 -24.58 1.06 -6.68
N GLU A 436 -23.43 1.46 -6.13
CA GLU A 436 -23.33 2.77 -5.50
C GLU A 436 -23.37 3.90 -6.52
N LEU A 437 -22.74 3.72 -7.68
CA LEU A 437 -22.74 4.76 -8.70
C LEU A 437 -24.15 5.03 -9.21
N LEU A 438 -24.98 3.99 -9.32
CA LEU A 438 -26.35 4.19 -9.75
C LEU A 438 -27.13 5.05 -8.76
N ASP A 439 -26.92 4.84 -7.46
CA ASP A 439 -27.64 5.62 -6.46
C ASP A 439 -27.11 7.05 -6.39
N ILE A 440 -25.86 7.27 -6.79
CA ILE A 440 -25.28 8.61 -6.77
C ILE A 440 -26.04 9.53 -7.71
N MET A 441 -26.32 9.08 -8.93
CA MET A 441 -27.04 9.91 -9.88
C MET A 441 -28.48 10.11 -9.45
N GLN A 442 -29.11 9.07 -8.90
CA GLN A 442 -30.49 9.17 -8.45
C GLN A 442 -30.64 10.14 -7.28
N SER A 443 -29.69 10.09 -6.33
CA SER A 443 -29.77 10.95 -5.16
C SER A 443 -29.43 12.40 -5.47
N GLY A 444 -28.80 12.67 -6.62
CA GLY A 444 -28.42 14.02 -6.98
C GLY A 444 -27.11 14.49 -6.37
N LYS A 445 -26.38 13.62 -5.68
CA LYS A 445 -25.10 14.00 -5.09
C LYS A 445 -24.04 14.33 -6.13
N ILE A 446 -24.16 13.81 -7.35
CA ILE A 446 -23.21 14.13 -8.41
C ILE A 446 -23.32 15.59 -8.83
N THR A 447 -24.50 16.19 -8.65
CA THR A 447 -24.75 17.54 -9.14
C THR A 447 -23.84 18.57 -8.46
N ASP A 448 -23.60 18.42 -7.16
CA ASP A 448 -22.84 19.43 -6.43
C ASP A 448 -21.42 19.57 -6.97
N LEU A 449 -20.74 18.45 -7.21
CA LEU A 449 -19.40 18.52 -7.80
C LEU A 449 -19.46 18.94 -9.26
N GLU A 450 -20.55 18.62 -9.95
CA GLU A 450 -20.73 19.05 -11.33
C GLU A 450 -20.83 20.57 -11.40
N GLY A 451 -20.13 21.16 -12.37
CA GLY A 451 -20.10 22.59 -12.53
C GLY A 451 -18.99 23.30 -11.78
N ARG A 452 -18.25 22.59 -10.94
CA ARG A 452 -17.13 23.17 -10.19
C ARG A 452 -15.79 22.67 -10.66
N LEU A 453 -15.67 21.39 -10.99
CA LEU A 453 -14.42 20.86 -11.51
C LEU A 453 -14.16 21.39 -12.92
N PHE A 454 -12.87 21.55 -13.24
CA PHE A 454 -12.44 22.05 -14.53
C PHE A 454 -11.93 20.90 -15.39
N LEU A 455 -12.12 21.02 -16.70
CA LEU A 455 -11.62 20.04 -17.65
C LEU A 455 -10.16 20.39 -17.98
N PHE A 456 -9.26 19.45 -17.70
CA PHE A 456 -7.82 19.69 -17.83
C PHE A 456 -7.20 18.50 -18.53
N GLU A 457 -6.78 18.69 -19.78
CA GLU A 457 -6.06 17.69 -20.54
C GLU A 457 -4.60 18.12 -20.69
N ILE A 458 -3.69 17.17 -20.50
CA ILE A 458 -2.26 17.48 -20.55
C ILE A 458 -1.85 17.95 -21.94
N GLU A 459 -2.40 17.31 -22.98
CA GLU A 459 -2.04 17.65 -24.35
C GLU A 459 -2.79 18.87 -24.88
N THR A 460 -3.72 19.43 -24.11
CA THR A 460 -4.52 20.56 -24.56
C THR A 460 -4.09 21.87 -23.90
N GLU A 461 -3.88 21.87 -22.58
CA GLU A 461 -3.53 23.07 -21.82
C GLU A 461 -4.55 24.19 -22.04
N GLY A 462 -5.79 23.91 -21.64
CA GLY A 462 -6.85 24.88 -21.78
C GLY A 462 -7.78 24.83 -20.59
N ILE A 463 -8.18 26.01 -20.11
CA ILE A 463 -9.06 26.14 -18.96
C ILE A 463 -10.40 26.69 -19.45
N ARG A 464 -11.49 25.97 -19.17
CA ARG A 464 -12.82 26.40 -19.54
C ARG A 464 -13.80 26.00 -18.46
N PRO A 465 -14.71 26.90 -18.09
CA PRO A 465 -15.69 26.56 -17.05
C PRO A 465 -16.67 25.51 -17.54
N LEU A 466 -17.20 24.73 -16.59
CA LEU A 466 -18.17 23.69 -16.87
C LEU A 466 -19.56 24.21 -16.56
N ILE A 467 -20.39 24.32 -17.60
CA ILE A 467 -21.77 24.79 -17.46
C ILE A 467 -22.76 23.66 -17.75
N ASN A 468 -22.57 22.95 -18.85
CA ASN A 468 -23.42 21.82 -19.22
C ASN A 468 -22.59 20.55 -19.13
N PHE A 469 -23.09 19.58 -18.36
CA PHE A 469 -22.34 18.35 -18.15
C PHE A 469 -22.26 17.50 -19.40
N TYR A 470 -23.31 17.52 -20.23
CA TYR A 470 -23.35 16.69 -21.43
C TYR A 470 -22.61 17.31 -22.60
N SER A 471 -22.15 18.55 -22.50
CA SER A 471 -21.43 19.18 -23.60
C SER A 471 -20.03 18.64 -23.76
N GLU A 472 -19.39 18.22 -22.67
CA GLU A 472 -18.05 17.67 -22.77
C GLU A 472 -18.08 16.31 -23.46
N PRO A 473 -17.02 15.95 -24.18
CA PRO A 473 -17.00 14.66 -24.89
C PRO A 473 -17.16 13.50 -23.93
N PRO A 474 -17.94 12.48 -24.31
CA PRO A 474 -18.16 11.36 -23.38
C PRO A 474 -16.90 10.57 -23.04
N ASN A 475 -15.96 10.46 -23.98
CA ASN A 475 -14.75 9.70 -23.72
C ASN A 475 -13.93 10.33 -22.60
N VAL A 476 -13.83 11.66 -22.60
CA VAL A 476 -13.17 12.35 -21.49
C VAL A 476 -13.97 12.16 -20.21
N LYS A 477 -15.30 12.23 -20.32
CA LYS A 477 -16.15 11.99 -19.15
C LYS A 477 -15.99 10.58 -18.61
N LYS A 478 -15.64 9.63 -19.48
CA LYS A 478 -15.39 8.27 -19.02
C LYS A 478 -14.23 8.21 -18.04
N ARG A 479 -13.14 8.94 -18.34
CA ARG A 479 -11.98 8.92 -17.46
C ARG A 479 -12.25 9.65 -16.16
N ILE A 480 -13.13 10.66 -16.18
CA ILE A 480 -13.40 11.43 -14.96
C ILE A 480 -14.05 10.55 -13.90
N CYS A 481 -15.07 9.78 -14.29
CA CYS A 481 -15.79 8.96 -13.32
C CYS A 481 -15.04 7.68 -12.97
N ASP A 482 -14.02 7.31 -13.74
CA ASP A 482 -13.21 6.15 -13.40
C ASP A 482 -12.49 6.35 -12.07
N VAL A 483 -11.92 7.55 -11.86
CA VAL A 483 -11.25 7.84 -10.61
C VAL A 483 -12.23 7.87 -9.45
N ILE A 484 -13.46 8.35 -9.71
CA ILE A 484 -14.49 8.36 -8.67
C ILE A 484 -14.81 6.94 -8.21
N ARG A 485 -14.66 5.97 -9.11
CA ARG A 485 -14.87 4.57 -8.77
C ARG A 485 -13.70 3.97 -8.01
N LEU A 486 -12.54 4.63 -7.99
CA LEU A 486 -11.34 4.04 -7.42
C LEU A 486 -10.78 4.81 -6.22
N PHE A 487 -10.80 6.15 -6.31
CA PHE A 487 -10.14 6.98 -5.27
C PHE A 487 -11.09 7.76 -4.35
N GLY A 488 -11.83 7.08 -3.49
CA GLY A 488 -12.72 7.76 -2.52
C GLY A 488 -13.72 8.67 -3.20
N PHE A 489 -14.98 8.59 -2.79
CA PHE A 489 -15.92 9.57 -3.38
C PHE A 489 -15.42 10.93 -2.89
N GLU A 490 -16.12 11.52 -1.92
CA GLU A 490 -15.73 12.89 -1.47
C GLU A 490 -14.33 13.24 -2.00
N THR A 491 -13.29 12.69 -1.38
CA THR A 491 -11.89 12.92 -1.81
C THR A 491 -11.84 13.82 -3.04
N CYS A 492 -12.00 13.25 -4.24
CA CYS A 492 -11.88 14.02 -5.48
C CYS A 492 -12.44 15.43 -5.35
N MET A 493 -13.24 15.71 -4.33
CA MET A 493 -13.78 17.06 -4.14
C MET A 493 -12.66 18.07 -3.91
N LYS A 494 -11.64 17.69 -3.15
CA LYS A 494 -10.50 18.54 -2.86
C LYS A 494 -9.29 18.16 -3.70
N ALA A 495 -9.52 17.69 -4.92
CA ALA A 495 -8.44 17.20 -5.77
C ALA A 495 -8.70 17.62 -7.21
N VAL A 496 -7.65 17.52 -8.02
CA VAL A 496 -7.71 17.78 -9.45
C VAL A 496 -7.20 16.54 -10.18
N ILE A 497 -7.91 16.14 -11.23
CA ILE A 497 -7.69 14.87 -11.90
C ILE A 497 -7.20 15.15 -13.32
N LEU A 498 -6.10 14.51 -13.70
CA LEU A 498 -5.60 14.53 -15.06
C LEU A 498 -5.83 13.17 -15.71
N TYR A 499 -5.59 13.09 -17.02
CA TYR A 499 -5.95 11.90 -17.78
C TYR A 499 -4.80 11.50 -18.70
N SER A 500 -4.73 10.21 -18.98
CA SER A 500 -3.77 9.64 -19.91
C SER A 500 -4.51 8.95 -21.05
N GLU A 501 -4.11 9.24 -22.29
CA GLU A 501 -4.87 8.76 -23.43
C GLU A 501 -4.50 7.32 -23.80
N GLN A 502 -3.29 7.11 -24.31
CA GLN A 502 -2.81 5.78 -24.68
C GLN A 502 -1.35 5.61 -24.29
N MET A 503 -1.00 6.06 -23.09
CA MET A 503 0.38 5.96 -22.63
C MET A 503 0.70 4.56 -22.12
#